data_5ZLD
#
_entry.id   5ZLD
#
_entity_poly.entity_id   1
_entity_poly.type   'polydeoxyribonucleotide'
_entity_poly.pdbx_seq_one_letter_code
;(DC)(DG)(DC)(DG)(DA)(DA)(DA)(DT)(DT)(DT)(DC)(DG)(DC)(DG)
;
_entity_poly.pdbx_strand_id   A,B
#